data_8RLP
#
_entry.id   8RLP
#
_cell.length_a   42.400
_cell.length_b   41.620
_cell.length_c   72.330
_cell.angle_alpha   90.000
_cell.angle_beta   104.494
_cell.angle_gamma   90.000
#
_symmetry.space_group_name_H-M   'P 1 21 1'
#
loop_
_entity.id
_entity.type
_entity.pdbx_description
1 polymer 'Carbonic anhydrase 2'
2 non-polymer 1,2-ETHANEDIOL
3 non-polymer 'ZINC ION'
4 non-polymer 'Veralipride, (R)-'
5 water water
#
_entity_poly.entity_id   1
_entity_poly.type   'polypeptide(L)'
_entity_poly.pdbx_seq_one_letter_code
;MSHHWGYGKHNGPEHWHKDFPIAKGERQSPVDIDTHTAKYDPSLKPLSVSYDQATSLRILNNGHAFNVEFDDSQDKAVLK
GGPLDGTYRLIQFHFHWGSLDGQGSEHTVDKKKYAAELHLVHWNTKYGDFGKAVQQPDGLAVLGIFLKVGSAKPGLQKVV
DVLDSIKTKGKSADFTNFDPRGLLPESLDYWTYPGSLTTPPLLECVTWIVLKEPISVSSEQVLKFRKLNFNGEGEPEELM
VDNWRPAQPLKNRQIKASFK
;
_entity_poly.pdbx_strand_id   AAA
#
loop_
_chem_comp.id
_chem_comp.type
_chem_comp.name
_chem_comp.formula
A1H11 non-polymer 'Veralipride, (R)-' 'C17 H25 N3 O5 S'
EDO non-polymer 1,2-ETHANEDIOL 'C2 H6 O2'
ZN non-polymer 'ZINC ION' 'Zn 2'
#
# COMPACT_ATOMS: atom_id res chain seq x y z
N HIS A 3 -11.06 12.39 -19.36
CA HIS A 3 -11.19 12.89 -17.91
C HIS A 3 -11.22 11.73 -16.90
N HIS A 4 -10.08 11.05 -16.74
CA HIS A 4 -9.90 9.81 -15.94
C HIS A 4 -9.64 10.22 -14.49
N TRP A 5 -9.78 9.29 -13.58
CA TRP A 5 -9.55 9.55 -12.15
C TRP A 5 -8.06 9.81 -11.88
N GLY A 6 -7.79 10.61 -10.86
CA GLY A 6 -6.40 10.79 -10.43
C GLY A 6 -6.39 11.45 -9.05
N TYR A 7 -5.42 12.35 -8.83
CA TYR A 7 -5.23 13.04 -7.54
C TYR A 7 -5.17 14.55 -7.70
N GLY A 8 -5.61 15.09 -8.80
CA GLY A 8 -5.67 16.57 -8.99
C GLY A 8 -6.99 17.22 -8.47
N LYS A 9 -7.12 18.52 -8.71
CA LYS A 9 -8.29 19.34 -8.25
C LYS A 9 -9.55 18.83 -8.93
N HIS A 10 -9.38 18.44 -10.19
CA HIS A 10 -10.54 18.24 -11.07
C HIS A 10 -10.88 16.75 -11.08
N ASN A 11 -9.99 15.83 -10.62
CA ASN A 11 -10.26 14.38 -10.80
C ASN A 11 -9.88 13.57 -9.55
N GLY A 12 -9.72 14.22 -8.41
CA GLY A 12 -9.17 13.65 -7.20
C GLY A 12 -10.22 12.87 -6.42
N PRO A 13 -9.87 12.43 -5.21
CA PRO A 13 -10.75 11.59 -4.40
C PRO A 13 -12.19 12.07 -4.19
N GLU A 14 -12.45 13.38 -4.10
CA GLU A 14 -13.83 13.88 -3.86
C GLU A 14 -14.69 13.71 -5.12
N HIS A 15 -14.07 13.37 -6.26
CA HIS A 15 -14.79 13.17 -7.52
C HIS A 15 -15.06 11.68 -7.80
N TRP A 16 -14.36 10.77 -7.16
CA TRP A 16 -14.33 9.36 -7.59
C TRP A 16 -15.74 8.76 -7.54
N HIS A 17 -16.57 9.16 -6.60
CA HIS A 17 -17.89 8.56 -6.39
C HIS A 17 -18.75 8.65 -7.66
N LYS A 18 -18.50 9.60 -8.54
CA LYS A 18 -19.35 9.72 -9.73
C LYS A 18 -19.15 8.54 -10.69
N ASP A 19 -17.94 8.10 -10.89
CA ASP A 19 -17.66 6.87 -11.70
C ASP A 19 -17.71 5.59 -10.87
N PHE A 20 -17.50 5.68 -9.57
CA PHE A 20 -17.34 4.52 -8.67
C PHE A 20 -18.18 4.78 -7.42
N PRO A 21 -19.50 4.60 -7.49
CA PRO A 21 -20.39 4.96 -6.37
C PRO A 21 -20.06 4.23 -5.04
N ILE A 22 -19.34 3.09 -5.09
CA ILE A 22 -18.86 2.35 -3.88
CA ILE A 22 -18.88 2.34 -3.89
C ILE A 22 -17.93 3.24 -3.07
N ALA A 23 -17.41 4.34 -3.65
CA ALA A 23 -16.60 5.31 -2.91
C ALA A 23 -17.31 5.77 -1.63
N LYS A 24 -18.64 5.75 -1.57
CA LYS A 24 -19.45 6.14 -0.39
C LYS A 24 -20.01 4.90 0.32
N GLY A 25 -19.35 3.74 0.14
CA GLY A 25 -19.83 2.45 0.70
C GLY A 25 -19.53 2.26 2.19
N GLU A 26 -19.86 1.06 2.66
CA GLU A 26 -19.86 0.73 4.09
C GLU A 26 -18.51 0.25 4.58
N ARG A 27 -17.55 -0.03 3.72
CA ARG A 27 -16.25 -0.60 4.17
C ARG A 27 -15.11 0.00 3.31
N GLN A 28 -15.08 1.34 3.24
CA GLN A 28 -14.04 2.03 2.45
C GLN A 28 -12.74 2.27 3.26
N SER A 29 -11.66 2.31 2.53
CA SER A 29 -10.32 2.54 3.06
C SER A 29 -9.68 3.72 2.37
N PRO A 30 -8.69 4.41 2.99
CA PRO A 30 -8.17 4.12 4.31
C PRO A 30 -9.09 4.71 5.40
N VAL A 31 -8.67 4.51 6.64
CA VAL A 31 -9.37 5.03 7.85
C VAL A 31 -8.32 5.59 8.80
N ASP A 32 -8.83 6.44 9.71
CA ASP A 32 -8.02 6.82 10.88
C ASP A 32 -8.07 5.66 11.89
N ILE A 33 -6.92 5.30 12.42
CA ILE A 33 -6.77 4.32 13.50
C ILE A 33 -6.75 5.09 14.82
N ASP A 34 -7.82 5.06 15.56
CA ASP A 34 -7.85 5.67 16.90
C ASP A 34 -7.28 4.61 17.86
N THR A 35 -6.06 4.83 18.33
CA THR A 35 -5.30 3.88 19.14
C THR A 35 -5.97 3.56 20.46
N HIS A 36 -6.76 4.49 21.00
CA HIS A 36 -7.44 4.32 22.28
C HIS A 36 -8.72 3.50 22.13
N THR A 37 -9.33 3.46 20.94
CA THR A 37 -10.58 2.67 20.68
C THR A 37 -10.32 1.31 20.06
N ALA A 38 -9.19 1.10 19.41
CA ALA A 38 -8.82 -0.22 18.83
C ALA A 38 -8.72 -1.17 20.01
N LYS A 39 -9.27 -2.35 19.88
CA LYS A 39 -9.25 -3.33 21.00
C LYS A 39 -8.28 -4.46 20.73
N TYR A 40 -7.48 -4.78 21.72
CA TYR A 40 -6.62 -5.97 21.71
C TYR A 40 -7.55 -7.17 21.56
N ASP A 41 -7.19 -7.99 20.59
CA ASP A 41 -7.92 -9.25 20.33
C ASP A 41 -6.96 -10.41 20.56
N PRO A 42 -6.99 -11.05 21.75
CA PRO A 42 -6.03 -12.11 22.08
C PRO A 42 -6.22 -13.34 21.18
N SER A 43 -7.34 -13.40 20.46
CA SER A 43 -7.63 -14.53 19.53
C SER A 43 -6.89 -14.36 18.19
N LEU A 44 -6.38 -13.19 17.86
CA LEU A 44 -5.65 -13.07 16.56
C LEU A 44 -4.40 -13.92 16.62
N LYS A 45 -3.81 -14.24 15.51
CA LYS A 45 -2.43 -14.71 15.60
C LYS A 45 -1.34 -13.80 15.10
N PRO A 46 -0.13 -14.37 15.36
CA PRO A 46 1.09 -13.89 14.79
C PRO A 46 0.78 -14.05 13.31
N LEU A 47 1.16 -13.00 12.70
CA LEU A 47 1.29 -12.93 11.28
C LEU A 47 2.46 -13.79 10.86
N SER A 48 2.31 -14.40 9.73
CA SER A 48 3.38 -15.14 9.05
C SER A 48 3.66 -14.46 7.72
N VAL A 49 4.77 -13.80 7.61
CA VAL A 49 5.26 -13.16 6.35
C VAL A 49 6.38 -14.08 5.82
N SER A 50 6.15 -14.79 4.72
CA SER A 50 7.15 -15.77 4.17
C SER A 50 7.58 -15.28 2.80
N TYR A 51 8.62 -14.47 2.77
CA TYR A 51 9.10 -13.78 1.54
C TYR A 51 10.46 -14.35 1.06
N ASP A 52 11.01 -15.39 1.71
CA ASP A 52 12.34 -15.93 1.28
C ASP A 52 12.32 -16.41 -0.18
N GLN A 53 11.24 -16.93 -0.73
CA GLN A 53 11.23 -17.39 -2.15
C GLN A 53 10.65 -16.34 -3.11
N ALA A 54 10.53 -15.09 -2.71
CA ALA A 54 9.91 -14.05 -3.54
C ALA A 54 10.66 -13.92 -4.87
N THR A 55 9.91 -13.79 -5.95
CA THR A 55 10.48 -13.55 -7.30
C THR A 55 9.96 -12.22 -7.83
N SER A 56 10.67 -11.12 -7.61
CA SER A 56 10.27 -9.85 -8.24
C SER A 56 10.54 -9.96 -9.74
N LEU A 57 9.78 -9.27 -10.56
CA LEU A 57 9.97 -9.29 -12.04
C LEU A 57 10.23 -7.90 -12.63
N ARG A 58 9.48 -6.90 -12.20
CA ARG A 58 9.39 -5.68 -13.01
C ARG A 58 8.92 -4.57 -12.11
N ILE A 59 9.25 -3.33 -12.51
CA ILE A 59 8.74 -2.13 -11.86
C ILE A 59 8.07 -1.27 -12.94
N LEU A 60 6.85 -0.81 -12.65
CA LEU A 60 6.00 -0.08 -13.59
C LEU A 60 5.51 1.24 -12.98
N ASN A 61 5.66 2.33 -13.76
CA ASN A 61 4.97 3.59 -13.43
C ASN A 61 3.59 3.50 -14.08
N ASN A 62 2.54 3.35 -13.29
CA ASN A 62 1.17 3.19 -13.83
C ASN A 62 0.38 4.49 -13.94
N GLY A 63 1.05 5.60 -13.70
CA GLY A 63 0.43 6.92 -13.74
C GLY A 63 -0.12 7.35 -12.39
N HIS A 64 -0.15 6.49 -11.39
CA HIS A 64 -0.70 6.71 -10.02
CA HIS A 64 -0.48 7.04 -10.05
C HIS A 64 0.44 6.55 -8.96
N ALA A 65 1.23 5.52 -9.14
CA ALA A 65 2.33 5.13 -8.29
C ALA A 65 3.31 4.33 -9.14
N PHE A 66 4.31 3.76 -8.51
CA PHE A 66 5.09 2.71 -9.16
C PHE A 66 4.77 1.41 -8.42
N ASN A 67 4.59 0.36 -9.22
CA ASN A 67 4.31 -0.99 -8.69
C ASN A 67 5.52 -1.87 -8.98
N VAL A 68 6.01 -2.51 -7.93
CA VAL A 68 7.00 -3.60 -8.03
C VAL A 68 6.19 -4.91 -8.10
N GLU A 69 6.28 -5.62 -9.23
CA GLU A 69 5.41 -6.78 -9.51
C GLU A 69 6.21 -8.07 -9.32
N PHE A 70 5.51 -9.06 -8.79
CA PHE A 70 6.08 -10.37 -8.45
C PHE A 70 5.44 -11.46 -9.30
N ASP A 71 6.19 -12.56 -9.39
CA ASP A 71 5.66 -13.82 -9.96
C ASP A 71 4.69 -14.42 -8.91
N ASP A 72 3.41 -14.44 -9.19
CA ASP A 72 2.37 -15.00 -8.29
C ASP A 72 1.72 -16.25 -8.93
N SER A 73 2.43 -16.92 -9.85
CA SER A 73 1.93 -18.10 -10.60
C SER A 73 2.14 -19.36 -9.75
N GLN A 74 2.83 -19.26 -8.61
CA GLN A 74 2.98 -20.31 -7.57
C GLN A 74 3.09 -19.67 -6.20
N ASP A 75 2.91 -20.47 -5.13
CA ASP A 75 3.09 -20.01 -3.71
C ASP A 75 4.58 -19.87 -3.45
N LYS A 76 5.06 -18.67 -3.51
CA LYS A 76 6.47 -18.23 -3.29
C LYS A 76 6.49 -17.26 -2.09
N ALA A 77 6.03 -16.07 -2.29
CA ALA A 77 5.96 -15.02 -1.27
C ALA A 77 4.52 -14.96 -0.77
N VAL A 78 4.27 -15.36 0.46
CA VAL A 78 2.89 -15.52 0.94
C VAL A 78 2.74 -14.89 2.34
N LEU A 79 1.54 -14.44 2.57
CA LEU A 79 1.09 -13.92 3.86
C LEU A 79 0.02 -14.86 4.39
N LYS A 80 0.16 -15.25 5.65
CA LYS A 80 -0.78 -16.18 6.33
C LYS A 80 -0.88 -15.73 7.80
N GLY A 81 -1.81 -16.30 8.53
CA GLY A 81 -1.96 -16.05 9.97
C GLY A 81 -2.54 -14.70 10.21
N GLY A 82 -2.29 -14.16 11.41
CA GLY A 82 -2.97 -12.94 11.85
C GLY A 82 -4.47 -13.15 11.80
N PRO A 83 -5.20 -12.24 11.11
CA PRO A 83 -6.65 -12.37 11.00
C PRO A 83 -7.06 -13.28 9.83
N LEU A 84 -6.09 -13.79 9.06
CA LEU A 84 -6.39 -14.41 7.77
C LEU A 84 -6.68 -15.91 7.92
N ASP A 85 -7.58 -16.37 7.11
CA ASP A 85 -7.72 -17.82 6.94
CA ASP A 85 -7.84 -17.81 6.87
C ASP A 85 -7.19 -18.13 5.52
N GLY A 86 -6.29 -19.09 5.43
CA GLY A 86 -5.72 -19.49 4.16
C GLY A 86 -4.50 -18.69 3.80
N THR A 87 -4.14 -18.77 2.55
CA THR A 87 -2.85 -18.39 1.99
C THR A 87 -3.08 -17.26 0.97
N TYR A 88 -2.32 -16.20 1.15
CA TYR A 88 -2.42 -15.02 0.28
C TYR A 88 -1.09 -14.78 -0.41
N ARG A 89 -1.07 -14.69 -1.74
CA ARG A 89 0.15 -14.58 -2.55
C ARG A 89 0.46 -13.12 -2.84
N LEU A 90 1.71 -12.73 -2.66
CA LEU A 90 2.15 -11.36 -2.98
C LEU A 90 2.09 -11.18 -4.51
N ILE A 91 1.39 -10.14 -4.97
CA ILE A 91 1.35 -9.78 -6.40
C ILE A 91 2.13 -8.51 -6.71
N GLN A 92 2.08 -7.48 -5.82
CA GLN A 92 2.79 -6.24 -6.08
C GLN A 92 2.88 -5.44 -4.79
N PHE A 93 3.89 -4.59 -4.74
CA PHE A 93 3.90 -3.51 -3.74
C PHE A 93 4.03 -2.17 -4.44
N HIS A 94 3.57 -1.15 -3.70
CA HIS A 94 3.70 0.25 -4.12
C HIS A 94 3.63 1.12 -2.87
N PHE A 95 3.81 2.42 -3.11
CA PHE A 95 3.73 3.42 -2.04
C PHE A 95 2.73 4.50 -2.43
N HIS A 96 2.39 5.29 -1.39
CA HIS A 96 1.68 6.57 -1.49
C HIS A 96 2.53 7.55 -0.69
N TRP A 97 2.69 8.76 -1.22
CA TRP A 97 3.58 9.74 -0.55
C TRP A 97 3.06 11.13 -0.83
N GLY A 98 3.71 12.05 -0.09
CA GLY A 98 3.26 13.45 -0.14
C GLY A 98 4.22 14.36 -0.90
N SER A 99 3.77 15.63 -1.00
CA SER A 99 4.66 16.72 -1.52
C SER A 99 5.65 17.22 -0.43
N LEU A 100 5.33 16.99 0.82
CA LEU A 100 6.13 17.38 1.99
C LEU A 100 6.06 16.33 3.07
N ASP A 101 6.98 16.26 3.98
CA ASP A 101 7.09 15.13 4.92
C ASP A 101 5.86 14.98 5.82
N GLY A 102 5.10 16.06 6.05
CA GLY A 102 3.91 16.04 6.92
C GLY A 102 2.65 15.42 6.37
N GLN A 103 2.72 14.85 5.16
CA GLN A 103 1.56 14.17 4.60
C GLN A 103 2.08 13.17 3.59
N GLY A 104 1.18 12.23 3.26
CA GLY A 104 1.53 11.16 2.29
C GLY A 104 0.86 9.88 2.63
N SER A 105 0.73 9.50 3.90
CA SER A 105 0.10 8.21 4.26
C SER A 105 -1.39 8.31 4.00
N GLU A 106 -1.95 7.12 3.78
CA GLU A 106 -3.41 6.94 3.56
C GLU A 106 -4.09 6.68 4.89
N HIS A 107 -3.67 5.63 5.58
CA HIS A 107 -4.08 5.48 6.98
C HIS A 107 -3.41 6.59 7.80
N THR A 108 -4.08 6.93 8.90
CA THR A 108 -3.56 7.85 9.92
C THR A 108 -3.63 7.16 11.27
N VAL A 109 -2.85 7.67 12.22
CA VAL A 109 -2.81 7.08 13.56
C VAL A 109 -3.13 8.21 14.52
N ASP A 110 -4.26 8.18 15.19
CA ASP A 110 -4.67 9.33 16.03
C ASP A 110 -4.54 10.63 15.22
N LYS A 111 -4.95 10.62 13.97
CA LYS A 111 -4.99 11.70 12.97
C LYS A 111 -3.61 12.07 12.49
N LYS A 112 -2.55 11.44 12.98
CA LYS A 112 -1.18 11.67 12.49
C LYS A 112 -1.03 11.12 11.08
N LYS A 113 -0.54 11.94 10.17
CA LYS A 113 -0.13 11.54 8.81
CA LYS A 113 -0.14 11.53 8.81
C LYS A 113 1.36 11.24 8.76
N TYR A 114 1.75 10.12 8.20
CA TYR A 114 3.16 9.84 7.94
C TYR A 114 3.55 10.37 6.57
N ALA A 115 4.86 10.38 6.33
CA ALA A 115 5.40 10.89 5.06
C ALA A 115 4.98 9.99 3.87
N ALA A 116 4.79 8.71 4.10
CA ALA A 116 4.46 7.80 3.00
C ALA A 116 3.91 6.56 3.68
N GLU A 117 3.37 5.67 2.83
CA GLU A 117 2.80 4.36 3.21
C GLU A 117 3.05 3.35 2.10
N LEU A 118 3.64 2.23 2.50
CA LEU A 118 3.89 1.06 1.63
C LEU A 118 2.74 0.10 1.81
N HIS A 119 2.27 -0.39 0.64
CA HIS A 119 1.21 -1.41 0.51
C HIS A 119 1.77 -2.64 -0.23
N LEU A 120 1.81 -3.75 0.49
CA LEU A 120 2.13 -5.06 -0.09
C LEU A 120 0.79 -5.79 -0.32
N VAL A 121 0.46 -5.96 -1.59
CA VAL A 121 -0.89 -6.48 -1.97
C VAL A 121 -0.81 -8.00 -2.26
N HIS A 122 -1.67 -8.72 -1.57
CA HIS A 122 -1.71 -10.20 -1.70
C HIS A 122 -3.13 -10.63 -1.97
N TRP A 123 -3.24 -11.77 -2.69
CA TRP A 123 -4.59 -12.34 -3.05
C TRP A 123 -4.74 -13.77 -2.53
N ASN A 124 -5.99 -14.06 -2.21
CA ASN A 124 -6.38 -15.32 -1.55
C ASN A 124 -6.40 -16.47 -2.59
N THR A 125 -5.49 -17.42 -2.42
CA THR A 125 -5.30 -18.46 -3.49
C THR A 125 -6.58 -19.29 -3.68
N LYS A 126 -7.57 -19.26 -2.67
CA LYS A 126 -8.73 -20.13 -2.86
C LYS A 126 -9.53 -19.61 -4.05
N TYR A 127 -9.31 -18.39 -4.56
CA TYR A 127 -10.08 -17.83 -5.69
C TYR A 127 -9.29 -17.93 -7.01
N GLY A 128 -8.12 -18.55 -7.02
CA GLY A 128 -7.45 -18.95 -8.27
C GLY A 128 -6.70 -17.87 -9.04
N ASP A 129 -7.27 -16.65 -9.14
CA ASP A 129 -6.51 -15.55 -9.78
C ASP A 129 -6.95 -14.24 -9.10
N PHE A 130 -6.13 -13.24 -9.31
CA PHE A 130 -6.33 -11.92 -8.70
C PHE A 130 -7.65 -11.32 -9.12
N GLY A 131 -7.99 -11.40 -10.42
CA GLY A 131 -9.23 -10.82 -10.88
C GLY A 131 -10.47 -11.43 -10.22
N LYS A 132 -10.43 -12.74 -9.93
CA LYS A 132 -11.54 -13.37 -9.18
C LYS A 132 -11.53 -12.95 -7.70
N ALA A 133 -10.33 -12.85 -7.14
CA ALA A 133 -10.20 -12.50 -5.71
C ALA A 133 -10.79 -11.12 -5.42
N VAL A 134 -10.58 -10.15 -6.32
CA VAL A 134 -11.07 -8.77 -5.98
C VAL A 134 -12.59 -8.69 -5.99
N GLN A 135 -13.27 -9.78 -6.40
CA GLN A 135 -14.76 -9.83 -6.40
C GLN A 135 -15.29 -10.49 -5.10
N GLN A 136 -14.41 -10.75 -4.13
CA GLN A 136 -14.77 -11.47 -2.90
C GLN A 136 -14.47 -10.59 -1.69
N PRO A 137 -15.27 -10.72 -0.62
CA PRO A 137 -15.06 -9.87 0.55
C PRO A 137 -13.75 -10.19 1.29
N ASP A 138 -13.25 -11.42 1.11
CA ASP A 138 -11.99 -11.88 1.71
C ASP A 138 -10.97 -12.20 0.62
N GLY A 139 -11.00 -11.46 -0.50
CA GLY A 139 -10.13 -11.77 -1.63
C GLY A 139 -8.70 -11.32 -1.50
N LEU A 140 -8.49 -10.16 -0.85
CA LEU A 140 -7.13 -9.54 -0.75
C LEU A 140 -6.74 -9.31 0.71
N ALA A 141 -5.42 -9.34 0.91
CA ALA A 141 -4.86 -8.88 2.21
C ALA A 141 -3.76 -7.92 1.79
N VAL A 142 -3.87 -6.70 2.37
CA VAL A 142 -2.88 -5.63 2.14
C VAL A 142 -2.17 -5.33 3.45
N LEU A 143 -0.87 -5.51 3.38
CA LEU A 143 0.02 -5.22 4.50
C LEU A 143 0.47 -3.77 4.27
N GLY A 144 0.13 -2.92 5.25
CA GLY A 144 0.47 -1.48 5.18
C GLY A 144 1.54 -1.12 6.21
N ILE A 145 2.53 -0.37 5.74
CA ILE A 145 3.71 -0.03 6.56
C ILE A 145 3.90 1.48 6.37
N PHE A 146 3.96 2.20 7.48
CA PHE A 146 4.21 3.68 7.46
C PHE A 146 5.70 3.94 7.25
N LEU A 147 5.98 5.05 6.56
CA LEU A 147 7.34 5.58 6.40
C LEU A 147 7.42 6.95 7.07
N LYS A 148 8.45 7.13 7.90
CA LYS A 148 8.86 8.41 8.44
C LYS A 148 10.22 8.74 7.87
N VAL A 149 10.50 10.04 7.88
CA VAL A 149 11.80 10.53 7.34
C VAL A 149 12.80 10.61 8.50
N GLY A 150 13.93 9.96 8.30
CA GLY A 150 15.05 10.03 9.22
C GLY A 150 16.28 9.38 8.60
N SER A 151 16.71 8.26 9.17
CA SER A 151 17.80 7.42 8.60
CA SER A 151 17.80 7.43 8.59
C SER A 151 17.33 6.75 7.31
N ALA A 152 18.27 6.52 6.39
CA ALA A 152 18.00 5.78 5.15
C ALA A 152 17.56 4.34 5.47
N LYS A 153 16.72 3.81 4.58
CA LYS A 153 16.38 2.38 4.60
C LYS A 153 17.22 1.68 3.54
N PRO A 154 18.25 0.92 3.94
CA PRO A 154 19.16 0.34 2.95
C PRO A 154 18.40 -0.52 1.92
N GLY A 155 17.42 -1.28 2.38
CA GLY A 155 16.66 -2.20 1.54
C GLY A 155 15.77 -1.50 0.54
N LEU A 156 15.58 -0.21 0.66
CA LEU A 156 14.81 0.61 -0.31
C LEU A 156 15.67 1.17 -1.44
N GLN A 157 16.99 1.26 -1.28
CA GLN A 157 17.81 2.03 -2.23
C GLN A 157 17.70 1.43 -3.63
N LYS A 158 17.66 0.11 -3.77
CA LYS A 158 17.56 -0.50 -5.14
C LYS A 158 16.30 0.03 -5.86
N VAL A 159 15.22 0.23 -5.12
CA VAL A 159 13.98 0.80 -5.69
C VAL A 159 14.24 2.23 -6.11
N VAL A 160 14.76 3.04 -5.22
CA VAL A 160 15.10 4.48 -5.47
C VAL A 160 15.95 4.59 -6.73
N ASP A 161 16.94 3.72 -6.89
CA ASP A 161 17.93 3.93 -7.97
C ASP A 161 17.37 3.58 -9.34
N VAL A 162 16.25 2.87 -9.42
CA VAL A 162 15.66 2.55 -10.77
C VAL A 162 14.60 3.57 -11.17
N LEU A 163 14.19 4.49 -10.26
CA LEU A 163 13.07 5.39 -10.58
C LEU A 163 13.36 6.33 -11.76
N ASP A 164 14.62 6.75 -11.95
CA ASP A 164 15.02 7.58 -13.13
C ASP A 164 14.58 6.89 -14.44
N SER A 165 14.54 5.57 -14.44
CA SER A 165 14.30 4.80 -15.68
C SER A 165 12.80 4.63 -15.94
N ILE A 166 11.95 4.96 -14.97
CA ILE A 166 10.47 4.84 -15.13
C ILE A 166 9.81 6.17 -14.75
N LYS A 167 10.38 7.28 -15.23
CA LYS A 167 9.90 8.58 -14.77
C LYS A 167 8.42 8.81 -15.07
N THR A 168 8.00 8.38 -16.26
CA THR A 168 6.66 8.74 -16.78
C THR A 168 5.74 7.53 -16.88
N LYS A 169 4.46 7.84 -16.92
CA LYS A 169 3.37 6.86 -17.01
C LYS A 169 3.60 5.91 -18.17
N GLY A 170 3.47 4.63 -17.87
CA GLY A 170 3.61 3.56 -18.86
C GLY A 170 5.00 3.02 -19.02
N LYS A 171 6.01 3.61 -18.43
CA LYS A 171 7.39 3.08 -18.44
C LYS A 171 7.50 1.97 -17.40
N SER A 172 8.23 0.95 -17.81
CA SER A 172 8.61 -0.18 -16.94
C SER A 172 10.10 -0.53 -17.12
N ALA A 173 10.61 -1.26 -16.15
CA ALA A 173 12.00 -1.71 -16.14
C ALA A 173 12.06 -3.12 -15.51
N ASP A 174 13.02 -3.90 -15.97
CA ASP A 174 13.34 -5.18 -15.32
CA ASP A 174 13.29 -5.20 -15.34
C ASP A 174 13.64 -4.90 -13.86
N PHE A 175 13.14 -5.73 -12.94
CA PHE A 175 13.37 -5.52 -11.50
C PHE A 175 13.40 -6.85 -10.80
N THR A 176 14.35 -7.67 -11.23
CA THR A 176 14.51 -9.02 -10.68
C THR A 176 15.31 -9.00 -9.39
N ASN A 177 15.16 -10.05 -8.61
CA ASN A 177 15.95 -10.40 -7.40
C ASN A 177 15.82 -9.33 -6.33
N PHE A 178 14.70 -8.62 -6.24
CA PHE A 178 14.52 -7.63 -5.15
C PHE A 178 13.88 -8.37 -3.99
N ASP A 179 14.39 -8.18 -2.78
CA ASP A 179 13.96 -8.92 -1.58
C ASP A 179 13.11 -7.98 -0.73
N PRO A 180 11.77 -8.16 -0.71
CA PRO A 180 10.90 -7.25 0.05
C PRO A 180 11.07 -7.35 1.59
N ARG A 181 11.79 -8.37 2.05
CA ARG A 181 12.06 -8.47 3.52
C ARG A 181 12.82 -7.21 3.96
N GLY A 182 13.59 -6.59 3.08
CA GLY A 182 14.35 -5.37 3.43
C GLY A 182 13.52 -4.12 3.62
N LEU A 183 12.20 -4.22 3.46
CA LEU A 183 11.27 -3.08 3.65
C LEU A 183 10.49 -3.22 4.96
N LEU A 184 10.65 -4.31 5.72
CA LEU A 184 9.85 -4.57 6.93
C LEU A 184 10.51 -3.93 8.17
N PRO A 185 9.69 -3.46 9.11
CA PRO A 185 10.20 -3.05 10.41
C PRO A 185 10.55 -4.29 11.25
N GLU A 186 11.10 -4.08 12.42
CA GLU A 186 11.48 -5.18 13.35
CA GLU A 186 11.49 -5.12 13.38
C GLU A 186 10.24 -5.89 13.86
N SER A 187 9.25 -5.15 14.32
CA SER A 187 8.05 -5.70 14.94
C SER A 187 6.97 -5.92 13.88
N LEU A 188 6.25 -7.02 14.03
CA LEU A 188 5.03 -7.28 13.23
C LEU A 188 3.73 -7.02 14.01
N ASP A 189 3.79 -6.28 15.11
CA ASP A 189 2.56 -5.81 15.79
C ASP A 189 1.69 -5.04 14.77
N TYR A 190 0.37 -5.26 14.80
CA TYR A 190 -0.50 -4.69 13.76
C TYR A 190 -1.91 -4.37 14.30
N TRP A 191 -2.55 -3.52 13.51
CA TRP A 191 -4.00 -3.28 13.54
C TRP A 191 -4.64 -3.96 12.33
N THR A 192 -5.89 -4.38 12.49
CA THR A 192 -6.59 -4.99 11.31
C THR A 192 -8.05 -4.60 11.29
N TYR A 193 -8.59 -4.46 10.08
CA TYR A 193 -10.01 -4.14 9.88
C TYR A 193 -10.34 -4.51 8.44
N PRO A 194 -11.66 -4.69 8.19
CA PRO A 194 -12.09 -4.97 6.84
C PRO A 194 -12.29 -3.69 6.03
N GLY A 195 -11.77 -3.63 4.84
CA GLY A 195 -11.88 -2.43 4.03
C GLY A 195 -11.82 -2.67 2.54
N SER A 196 -11.20 -1.78 1.84
CA SER A 196 -11.27 -1.67 0.38
C SER A 196 -9.95 -1.38 -0.29
N LEU A 197 -9.88 -1.47 -1.60
CA LEU A 197 -8.84 -0.83 -2.38
C LEU A 197 -8.98 0.67 -2.08
N THR A 198 -7.87 1.38 -2.09
CA THR A 198 -7.87 2.85 -1.89
C THR A 198 -7.81 3.59 -3.21
N THR A 199 -7.78 2.89 -4.33
CA THR A 199 -7.84 3.45 -5.67
C THR A 199 -9.07 2.89 -6.34
N PRO A 200 -9.66 3.63 -7.30
CA PRO A 200 -10.67 3.00 -8.17
C PRO A 200 -10.17 1.69 -8.75
N PRO A 201 -10.96 0.61 -8.76
CA PRO A 201 -12.44 0.67 -8.52
C PRO A 201 -12.95 0.55 -7.07
N LEU A 202 -12.06 0.70 -6.09
CA LEU A 202 -12.45 0.88 -4.66
C LEU A 202 -13.26 -0.32 -4.13
N LEU A 203 -12.93 -1.49 -4.68
CA LEU A 203 -13.62 -2.72 -4.33
C LEU A 203 -13.44 -3.11 -2.88
N GLU A 204 -14.52 -3.55 -2.25
CA GLU A 204 -14.58 -3.86 -0.80
C GLU A 204 -14.15 -5.31 -0.58
N CYS A 205 -12.89 -5.59 -0.87
CA CYS A 205 -12.33 -6.95 -0.96
C CYS A 205 -11.10 -7.17 -0.09
N VAL A 206 -10.80 -6.19 0.78
CA VAL A 206 -9.50 -6.19 1.48
C VAL A 206 -9.60 -6.45 2.99
N THR A 207 -8.79 -7.37 3.50
CA THR A 207 -8.43 -7.40 4.93
C THR A 207 -7.17 -6.59 5.06
N TRP A 208 -7.30 -5.46 5.75
CA TRP A 208 -6.16 -4.57 6.02
C TRP A 208 -5.40 -5.02 7.25
N ILE A 209 -4.08 -5.04 7.10
CA ILE A 209 -3.17 -5.35 8.21
C ILE A 209 -2.15 -4.21 8.20
N VAL A 210 -2.25 -3.30 9.19
CA VAL A 210 -1.38 -2.09 9.24
C VAL A 210 -0.40 -2.22 10.41
N LEU A 211 0.88 -2.27 10.08
CA LEU A 211 1.90 -2.43 11.10
C LEU A 211 2.00 -1.15 11.96
N LYS A 212 2.15 -1.36 13.24
CA LYS A 212 2.33 -0.26 14.21
C LYS A 212 3.67 0.45 14.02
N GLU A 213 4.74 -0.28 13.80
CA GLU A 213 6.09 0.30 13.75
C GLU A 213 6.41 0.82 12.37
N PRO A 214 6.62 2.13 12.20
CA PRO A 214 7.03 2.65 10.91
C PRO A 214 8.48 2.25 10.59
N ILE A 215 8.79 2.29 9.30
CA ILE A 215 10.19 2.24 8.84
C ILE A 215 10.65 3.68 8.64
N SER A 216 11.95 3.84 8.76
CA SER A 216 12.64 5.12 8.51
CA SER A 216 12.60 5.13 8.49
C SER A 216 13.26 5.11 7.12
N VAL A 217 12.99 6.15 6.34
CA VAL A 217 13.69 6.38 5.05
C VAL A 217 14.35 7.76 5.11
N SER A 218 15.31 8.00 4.25
CA SER A 218 16.01 9.29 4.27
C SER A 218 15.25 10.33 3.43
N SER A 219 15.55 11.57 3.73
CA SER A 219 15.00 12.70 2.95
CA SER A 219 14.97 12.70 2.96
C SER A 219 15.37 12.51 1.48
N GLU A 220 16.58 12.03 1.20
CA GLU A 220 17.03 11.85 -0.19
C GLU A 220 16.20 10.75 -0.88
N GLN A 221 15.88 9.72 -0.12
CA GLN A 221 15.08 8.62 -0.69
C GLN A 221 13.68 9.11 -1.09
N VAL A 222 13.00 9.82 -0.19
CA VAL A 222 11.60 10.24 -0.50
C VAL A 222 11.66 11.35 -1.60
N LEU A 223 12.68 12.21 -1.61
CA LEU A 223 12.80 13.25 -2.66
C LEU A 223 12.83 12.57 -4.01
N LYS A 224 13.46 11.39 -4.12
CA LYS A 224 13.47 10.68 -5.42
C LYS A 224 12.06 10.17 -5.80
N PHE A 225 11.25 9.79 -4.84
CA PHE A 225 9.85 9.44 -5.13
C PHE A 225 9.13 10.65 -5.78
N ARG A 226 9.44 11.83 -5.28
CA ARG A 226 8.71 13.07 -5.68
C ARG A 226 9.21 13.60 -7.03
N LYS A 227 10.21 12.99 -7.64
CA LYS A 227 10.71 13.34 -8.99
C LYS A 227 9.99 12.55 -10.07
N LEU A 228 9.22 11.53 -9.70
CA LEU A 228 8.41 10.81 -10.68
C LEU A 228 7.36 11.71 -11.27
N ASN A 229 6.71 11.26 -12.34
CA ASN A 229 5.69 12.04 -13.03
C ASN A 229 4.42 11.24 -13.16
N PHE A 230 3.28 11.90 -12.98
CA PHE A 230 1.97 11.29 -13.28
C PHE A 230 1.76 11.21 -14.78
N ASN A 231 2.28 12.17 -15.51
CA ASN A 231 2.11 12.31 -16.97
C ASN A 231 2.96 11.29 -17.73
N GLY A 232 2.54 11.03 -18.98
CA GLY A 232 3.36 10.27 -19.95
C GLY A 232 4.49 11.09 -20.53
N GLU A 233 5.44 10.43 -21.16
CA GLU A 233 6.61 11.06 -21.83
C GLU A 233 6.16 12.16 -22.79
N GLY A 234 6.86 13.29 -22.76
CA GLY A 234 6.62 14.40 -23.68
C GLY A 234 5.48 15.29 -23.24
N GLU A 235 4.64 14.87 -22.28
CA GLU A 235 3.43 15.64 -21.85
C GLU A 235 3.86 16.65 -20.81
N PRO A 236 3.06 17.69 -20.52
CA PRO A 236 3.38 18.67 -19.49
C PRO A 236 3.67 17.92 -18.19
N GLU A 237 4.75 18.33 -17.53
CA GLU A 237 5.22 17.62 -16.35
C GLU A 237 4.30 17.92 -15.16
N GLU A 238 3.79 16.88 -14.53
CA GLU A 238 3.01 16.93 -13.29
C GLU A 238 3.73 16.01 -12.31
N LEU A 239 4.37 16.56 -11.28
CA LEU A 239 5.12 15.67 -10.39
C LEU A 239 4.15 14.71 -9.68
N MET A 240 4.60 13.48 -9.55
CA MET A 240 3.88 12.41 -8.83
C MET A 240 4.10 12.63 -7.33
N VAL A 241 3.18 13.41 -6.76
CA VAL A 241 3.16 13.72 -5.31
C VAL A 241 1.70 13.72 -4.84
N ASP A 242 1.50 13.46 -3.55
CA ASP A 242 0.16 13.52 -2.97
C ASP A 242 -0.82 12.55 -3.68
N ASN A 243 -0.31 11.34 -3.87
CA ASN A 243 -1.09 10.26 -4.50
C ASN A 243 -1.76 9.40 -3.41
N TRP A 244 -2.34 10.03 -2.40
CA TRP A 244 -3.00 9.39 -1.25
C TRP A 244 -4.48 9.77 -1.22
N ARG A 245 -5.31 8.81 -0.86
CA ARG A 245 -6.71 9.02 -0.52
C ARG A 245 -6.80 9.36 0.97
N PRO A 246 -7.60 10.37 1.36
CA PRO A 246 -7.77 10.63 2.77
C PRO A 246 -8.65 9.62 3.51
N ALA A 247 -8.58 9.66 4.83
CA ALA A 247 -9.35 8.77 5.70
C ALA A 247 -10.83 8.89 5.35
N GLN A 248 -11.50 7.70 5.38
CA GLN A 248 -12.93 7.53 5.09
C GLN A 248 -13.68 7.19 6.35
N PRO A 249 -15.02 7.33 6.36
CA PRO A 249 -15.77 7.00 7.57
C PRO A 249 -15.67 5.54 7.97
N LEU A 250 -15.44 5.29 9.27
CA LEU A 250 -15.28 3.95 9.83
C LEU A 250 -16.61 3.18 9.76
N LYS A 251 -17.73 3.87 9.89
CA LYS A 251 -19.08 3.25 9.85
C LYS A 251 -19.12 2.10 10.86
N ASN A 252 -19.69 0.97 10.48
CA ASN A 252 -19.97 -0.12 11.41
C ASN A 252 -18.79 -1.07 11.38
N ARG A 253 -17.58 -0.54 11.79
CA ARG A 253 -16.36 -1.39 11.83
C ARG A 253 -15.58 -1.25 13.11
N GLN A 254 -14.89 -2.31 13.51
CA GLN A 254 -14.02 -2.37 14.68
C GLN A 254 -12.62 -2.58 14.16
N ILE A 255 -11.72 -1.75 14.59
CA ILE A 255 -10.28 -2.00 14.37
C ILE A 255 -9.76 -2.84 15.55
N LYS A 256 -9.09 -3.92 15.26
CA LYS A 256 -8.54 -4.81 16.27
C LYS A 256 -7.01 -4.64 16.31
N ALA A 257 -6.47 -4.77 17.50
CA ALA A 257 -5.02 -4.74 17.75
C ALA A 257 -4.50 -6.16 18.03
N SER A 258 -3.32 -6.48 17.48
CA SER A 258 -2.66 -7.76 17.76
C SER A 258 -1.87 -7.73 19.07
N PHE A 259 -1.78 -6.57 19.71
CA PHE A 259 -0.86 -6.28 20.84
C PHE A 259 -1.58 -5.52 21.95
N LYS A 260 -1.09 -5.67 23.20
CA LYS A 260 -1.80 -5.24 24.44
C LYS A 260 -1.46 -3.77 24.67
C1 EDO B . -5.39 13.80 -2.15
O1 EDO B . -5.63 13.46 -0.83
C2 EDO B . -4.10 14.38 -2.28
O2 EDO B . -3.79 14.83 -3.62
ZN ZN C . -1.97 1.49 -2.03
O A1H11 D . -1.93 1.26 -7.75
C1 A1H11 D . -3.12 0.70 -5.66
O4 A1H11 D . -5.74 -0.22 -3.17
S A1H11 D . -4.28 -0.15 -3.29
O3 A1H11 D . -3.50 -1.22 -2.71
N A1H11 D . -3.80 1.25 -2.71
C A1H11 D . -3.93 -0.22 -5.03
C16 A1H11 D . -4.44 -1.31 -5.74
C6 A1H11 D . -4.08 -1.50 -7.06
C4 A1H11 D . -3.26 -0.63 -7.70
O1 A1H11 D . -3.12 -0.72 -9.08
C5 A1H11 D . -2.30 -1.79 -9.55
C2 A1H11 D . -2.75 0.47 -7.01
C3 A1H11 D . -1.31 2.37 -7.10
C7 A1H11 D . -4.55 -2.69 -7.77
O2 A1H11 D . -3.82 -3.69 -7.89
N1 A1H11 D . -5.73 -2.50 -8.36
C8 A1H11 D . -6.16 -3.46 -9.35
C9 A1H11 D . -7.29 -2.94 -10.19
N2 A1H11 D . -7.71 -4.02 -11.09
C13 A1H11 D . -8.53 -5.04 -10.42
C14 A1H11 D . -9.03 -6.01 -11.43
C15 A1H11 D . -8.49 -7.36 -11.77
C12 A1H11 D . -8.44 -3.31 -12.15
C11 A1H11 D . -7.51 -2.13 -12.49
C10 A1H11 D . -6.79 -1.86 -11.15
#